data_6VTU
#
_entry.id   6VTU
#
_cell.length_a   115.238
_cell.length_b   115.238
_cell.length_c   98.476
_cell.angle_alpha   90.000
_cell.angle_beta   90.000
_cell.angle_gamma   90.000
#
_symmetry.space_group_name_H-M   'P 41 21 2'
#
loop_
_entity.id
_entity.type
_entity.pdbx_description
1 polymer 'DH717.1 heavy chain'
2 polymer 'DH717.1 light chain'
3 branched alpha-D-mannopyranose-(1-2)-alpha-D-mannopyranose-(1-2)-alpha-D-mannopyranose
4 non-polymer GLYCEROL
5 water water
#
loop_
_entity_poly.entity_id
_entity_poly.type
_entity_poly.pdbx_seq_one_letter_code
_entity_poly.pdbx_strand_id
1 'polypeptide(L)'
;QVQLQESGPGLVKPSETLSLTCAVSGVSINDGYDWTWIRQTPGKGLEWIGYVFGRSGNFNLNPSLRNRGIISKDTCKNQF
SLNLNSATAADTAVYFCARGMEGLFAAYNSLDVWGRGLLVTVSGASTKGPSVFPLAPSSKSTSGGTAALGCLVKDYFPEP
VTVSWNSGALTSGVHTFPAVLQSSGLYSLSSVVTVPSSSLGTQTYICNVNHKPSNTKVDKRVEPK
;
H
2 'polypeptide(L)'
;QAALTQPPSVSGSPGQSVIISCTGTSSDIGQYNSVSWYQQHPDKAPKLVIYGVTSRPSGVSDRFSGSKYGDTASLTISGL
QAEDEADYYCSSHADENMALFGGGTRLTVLGQPKGAPSVTLFPPSSEELQANKATLVCLISDFYPGAVTVAWKADSSPVK
AGVETTTPSKQSNNKYAASSYLSLTPEQWKSHRSYSCQVTHEGSTVEKTVAPTECS
;
L
#
# COMPACT_ATOMS: atom_id res chain seq x y z
N GLN A 1 -22.71 7.13 13.97
CA GLN A 1 -21.41 7.43 14.56
C GLN A 1 -20.39 7.83 13.50
N VAL A 2 -20.90 8.36 12.40
CA VAL A 2 -20.09 8.83 11.27
C VAL A 2 -19.14 7.76 10.70
N GLN A 3 -19.58 7.09 9.65
CA GLN A 3 -18.71 6.19 8.90
C GLN A 3 -18.63 6.71 7.47
N LEU A 4 -17.44 6.63 6.89
CA LEU A 4 -17.22 7.08 5.52
C LEU A 4 -16.76 5.90 4.67
N GLN A 5 -17.47 5.65 3.57
CA GLN A 5 -17.16 4.48 2.74
C GLN A 5 -17.06 4.84 1.27
N GLU A 6 -15.86 4.68 0.70
CA GLU A 6 -15.64 4.96 -0.71
C GLU A 6 -16.31 3.90 -1.58
N SER A 7 -16.72 4.31 -2.77
CA SER A 7 -17.36 3.41 -3.72
C SER A 7 -17.07 3.89 -5.14
N GLY A 8 -16.79 2.95 -6.04
CA GLY A 8 -16.53 3.31 -7.43
C GLY A 8 -15.63 2.35 -8.18
N PRO A 9 -15.59 2.48 -9.51
CA PRO A 9 -14.77 1.66 -10.41
C PRO A 9 -13.29 1.82 -10.10
N GLY A 10 -12.55 0.72 -10.11
CA GLY A 10 -11.12 0.75 -9.85
C GLY A 10 -10.30 0.87 -11.11
N LEU A 11 -10.98 0.92 -12.25
CA LEU A 11 -10.32 1.04 -13.55
C LEU A 11 -11.05 2.01 -14.46
N VAL A 12 -10.39 3.12 -14.82
CA VAL A 12 -10.96 4.06 -15.79
C VAL A 12 -10.03 4.23 -16.99
N LYS A 13 -10.61 4.45 -18.16
CA LYS A 13 -9.82 4.62 -19.37
C LYS A 13 -9.32 6.06 -19.47
N PRO A 14 -8.15 6.25 -20.09
CA PRO A 14 -7.62 7.60 -20.35
C PRO A 14 -8.64 8.45 -21.09
N SER A 15 -8.63 9.76 -20.85
CA SER A 15 -9.60 10.72 -21.42
C SER A 15 -11.01 10.64 -20.83
N GLU A 16 -11.34 9.50 -20.21
CA GLU A 16 -12.63 9.36 -19.54
C GLU A 16 -12.58 10.03 -18.18
N THR A 17 -13.72 10.15 -17.52
CA THR A 17 -13.75 10.80 -16.21
C THR A 17 -13.76 9.80 -15.06
N LEU A 18 -12.99 10.12 -14.02
CA LEU A 18 -12.88 9.28 -12.83
C LEU A 18 -13.95 9.70 -11.82
N SER A 19 -14.88 8.78 -11.51
CA SER A 19 -15.97 9.07 -10.61
C SER A 19 -15.95 8.21 -9.35
N LEU A 20 -16.07 8.86 -8.20
CA LEU A 20 -16.11 8.17 -6.91
C LEU A 20 -17.19 8.77 -6.02
N THR A 21 -17.80 7.92 -5.20
CA THR A 21 -18.76 8.40 -4.21
C THR A 21 -18.31 7.98 -2.81
N CYS A 22 -18.69 8.80 -1.82
CA CYS A 22 -18.42 8.48 -0.43
C CYS A 22 -19.75 8.42 0.31
N ALA A 23 -20.11 7.23 0.79
CA ALA A 23 -21.36 7.05 1.51
C ALA A 23 -21.20 7.46 2.97
N VAL A 24 -21.98 8.45 3.40
CA VAL A 24 -21.93 8.96 4.77
C VAL A 24 -23.10 8.45 5.59
N SER A 25 -22.80 7.80 6.71
CA SER A 25 -23.82 7.29 7.61
C SER A 25 -23.55 7.76 9.04
N GLY A 26 -24.60 8.04 9.80
CA GLY A 26 -24.45 8.48 11.17
C GLY A 26 -24.68 9.97 11.36
N VAL A 27 -24.73 10.69 10.24
CA VAL A 27 -24.97 12.13 10.25
C VAL A 27 -25.46 12.53 8.86
N SER A 28 -26.09 13.70 8.74
CA SER A 28 -26.61 14.15 7.45
C SER A 28 -25.54 14.83 6.60
N ILE A 29 -25.62 14.63 5.29
CA ILE A 29 -24.68 15.23 4.34
C ILE A 29 -24.85 16.75 4.28
N ASN A 30 -25.96 17.24 4.82
CA ASN A 30 -26.26 18.66 4.80
C ASN A 30 -25.81 19.42 6.05
N ASP A 31 -25.17 18.72 6.98
CA ASP A 31 -24.67 19.35 8.19
C ASP A 31 -23.39 20.14 7.92
N GLY A 32 -23.02 21.03 8.84
CA GLY A 32 -21.89 21.92 8.63
C GLY A 32 -20.52 21.26 8.71
N TYR A 33 -20.26 20.32 7.81
CA TYR A 33 -18.96 19.66 7.76
C TYR A 33 -18.27 19.88 6.41
N ASP A 34 -16.94 19.83 6.42
CA ASP A 34 -16.18 19.83 5.18
C ASP A 34 -15.97 18.40 4.68
N TRP A 35 -16.73 18.02 3.66
CA TRP A 35 -16.59 16.70 3.05
C TRP A 35 -15.44 16.74 2.07
N THR A 36 -14.36 16.03 2.39
CA THR A 36 -13.07 16.22 1.73
C THR A 36 -12.56 14.99 0.99
N TRP A 37 -11.85 15.21 -0.11
CA TRP A 37 -11.20 14.14 -0.85
C TRP A 37 -9.67 14.27 -0.80
N ILE A 38 -9.00 13.13 -0.61
CA ILE A 38 -7.54 13.07 -0.56
C ILE A 38 -7.12 11.89 -1.43
N ARG A 39 -5.98 12.00 -2.11
CA ARG A 39 -5.46 10.88 -2.88
C ARG A 39 -3.97 10.66 -2.66
N GLN A 40 -3.54 9.43 -2.90
CA GLN A 40 -2.14 9.06 -2.69
C GLN A 40 -1.71 8.02 -3.72
N THR A 41 -0.89 8.45 -4.67
CA THR A 41 -0.21 7.52 -5.57
C THR A 41 0.63 6.62 -4.68
N PRO A 42 0.50 5.30 -4.85
CA PRO A 42 1.20 4.32 -4.00
C PRO A 42 2.71 4.55 -3.98
N GLY A 43 3.27 4.72 -2.79
CA GLY A 43 4.70 4.95 -2.64
C GLY A 43 5.04 6.44 -2.58
N LYS A 44 4.04 7.28 -2.79
CA LYS A 44 4.25 8.73 -2.79
C LYS A 44 3.47 9.40 -1.66
N GLY A 45 3.38 10.73 -1.72
CA GLY A 45 2.78 11.50 -0.64
C GLY A 45 1.30 11.75 -0.76
N LEU A 46 0.79 12.61 0.11
CA LEU A 46 -0.63 12.94 0.16
C LEU A 46 -0.95 14.13 -0.72
N GLU A 47 -2.01 14.04 -1.52
CA GLU A 47 -2.51 15.19 -2.25
C GLU A 47 -3.88 15.62 -1.73
N TRP A 48 -4.00 16.91 -1.40
CA TRP A 48 -5.27 17.49 -1.01
C TRP A 48 -6.04 17.87 -2.27
N ILE A 49 -7.21 17.28 -2.46
CA ILE A 49 -7.99 17.49 -3.68
C ILE A 49 -9.00 18.63 -3.53
N GLY A 50 -9.81 18.58 -2.48
CA GLY A 50 -10.82 19.59 -2.25
C GLY A 50 -11.94 19.14 -1.34
N TYR A 51 -13.00 19.95 -1.25
CA TYR A 51 -14.09 19.67 -0.32
C TYR A 51 -15.42 20.28 -0.76
N VAL A 52 -16.52 19.77 -0.20
CA VAL A 52 -17.81 20.48 -0.20
C VAL A 52 -18.19 20.81 1.23
N PHE A 53 -18.75 21.99 1.44
CA PHE A 53 -19.36 22.31 2.71
C PHE A 53 -20.80 21.83 2.70
N GLY A 54 -21.20 21.12 3.74
CA GLY A 54 -22.51 20.50 3.81
C GLY A 54 -23.69 21.45 3.68
N ARG A 55 -23.68 22.54 4.44
CA ARG A 55 -24.80 23.48 4.45
C ARG A 55 -25.05 24.11 3.08
N SER A 56 -23.99 24.63 2.47
CA SER A 56 -24.12 25.41 1.24
C SER A 56 -24.09 24.56 -0.02
N GLY A 57 -23.22 23.55 -0.03
CA GLY A 57 -23.00 22.77 -1.24
C GLY A 57 -21.91 23.40 -2.08
N ASN A 58 -21.36 24.50 -1.60
CA ASN A 58 -20.21 25.12 -2.24
C ASN A 58 -18.98 24.23 -2.13
N PHE A 59 -18.19 24.19 -3.20
CA PHE A 59 -17.02 23.33 -3.24
C PHE A 59 -15.79 24.08 -3.74
N ASN A 60 -14.61 23.60 -3.37
CA ASN A 60 -13.37 24.14 -3.89
C ASN A 60 -12.36 23.04 -4.12
N LEU A 61 -11.53 23.18 -5.14
CA LEU A 61 -10.46 22.23 -5.43
C LEU A 61 -9.10 22.93 -5.43
N ASN A 62 -8.03 22.14 -5.39
CA ASN A 62 -6.68 22.71 -5.44
C ASN A 62 -6.43 23.33 -6.81
N PRO A 63 -5.48 24.30 -6.89
CA PRO A 63 -5.26 25.05 -8.13
C PRO A 63 -4.95 24.18 -9.35
N SER A 64 -4.43 22.97 -9.16
CA SER A 64 -3.99 22.13 -10.27
C SER A 64 -5.07 21.16 -10.76
N LEU A 65 -6.17 21.08 -10.04
CA LEU A 65 -7.29 20.20 -10.43
C LEU A 65 -8.56 21.01 -10.68
N ARG A 66 -8.45 22.32 -10.54
CA ARG A 66 -9.58 23.24 -10.62
C ARG A 66 -10.29 23.19 -11.99
N ASN A 67 -9.57 22.74 -13.01
CA ASN A 67 -10.12 22.71 -14.37
C ASN A 67 -10.71 21.36 -14.79
N ARG A 68 -10.55 20.34 -13.95
CA ARG A 68 -11.04 19.00 -14.26
C ARG A 68 -11.90 18.40 -13.15
N GLY A 69 -11.96 19.08 -12.00
CA GLY A 69 -12.61 18.49 -10.84
C GLY A 69 -13.85 19.15 -10.29
N ILE A 70 -14.81 18.32 -9.90
CA ILE A 70 -15.99 18.77 -9.16
C ILE A 70 -16.24 17.83 -7.99
N ILE A 71 -16.53 18.42 -6.83
CA ILE A 71 -16.98 17.66 -5.68
C ILE A 71 -18.36 18.17 -5.31
N SER A 72 -19.35 17.28 -5.28
CA SER A 72 -20.71 17.68 -4.97
C SER A 72 -21.36 16.65 -4.03
N LYS A 73 -22.56 16.98 -3.54
CA LYS A 73 -23.25 16.09 -2.62
C LYS A 73 -24.55 15.55 -3.19
N ASP A 74 -24.88 14.32 -2.81
CA ASP A 74 -26.14 13.69 -3.19
C ASP A 74 -27.05 13.65 -1.96
N THR A 75 -28.09 14.49 -1.98
CA THR A 75 -29.01 14.60 -0.86
C THR A 75 -29.96 13.40 -0.74
N CYS A 76 -30.21 12.74 -1.86
CA CYS A 76 -31.13 11.61 -1.88
C CYS A 76 -30.59 10.38 -1.14
N LYS A 77 -29.31 10.08 -1.34
CA LYS A 77 -28.70 8.90 -0.73
C LYS A 77 -27.54 9.19 0.22
N ASN A 78 -27.48 10.43 0.71
CA ASN A 78 -26.53 10.84 1.75
C ASN A 78 -25.07 10.55 1.36
N GLN A 79 -24.65 11.09 0.22
CA GLN A 79 -23.29 10.89 -0.27
C GLN A 79 -22.68 12.21 -0.72
N PHE A 80 -21.36 12.22 -0.88
CA PHE A 80 -20.69 13.25 -1.65
C PHE A 80 -19.76 12.59 -2.65
N SER A 81 -19.46 13.27 -3.75
CA SER A 81 -18.79 12.62 -4.87
C SER A 81 -17.57 13.38 -5.37
N LEU A 82 -16.70 12.68 -6.08
CA LEU A 82 -15.59 13.30 -6.78
C LEU A 82 -15.62 12.91 -8.25
N ASN A 83 -15.61 13.91 -9.12
CA ASN A 83 -15.50 13.66 -10.55
C ASN A 83 -14.28 14.38 -11.14
N LEU A 84 -13.36 13.58 -11.68
CA LEU A 84 -12.16 14.11 -12.31
C LEU A 84 -12.18 13.77 -13.80
N ASN A 85 -12.36 14.79 -14.64
CA ASN A 85 -12.45 14.59 -16.09
C ASN A 85 -11.07 14.45 -16.73
N SER A 86 -11.04 13.92 -17.95
CA SER A 86 -9.81 13.77 -18.73
C SER A 86 -8.73 13.01 -17.96
N ALA A 87 -9.08 11.82 -17.47
CA ALA A 87 -8.16 11.03 -16.65
C ALA A 87 -6.91 10.60 -17.41
N THR A 88 -5.78 10.62 -16.70
CA THR A 88 -4.51 10.14 -17.24
C THR A 88 -3.82 9.26 -16.20
N ALA A 89 -2.61 8.80 -16.53
CA ALA A 89 -1.88 7.89 -15.65
C ALA A 89 -1.48 8.55 -14.33
N ALA A 90 -1.38 9.87 -14.34
CA ALA A 90 -1.03 10.63 -13.14
C ALA A 90 -2.16 10.59 -12.12
N ASP A 91 -3.35 10.23 -12.57
CA ASP A 91 -4.53 10.18 -11.71
C ASP A 91 -4.68 8.81 -11.03
N THR A 92 -3.83 7.87 -11.40
CA THR A 92 -3.80 6.57 -10.72
C THR A 92 -3.33 6.77 -9.29
N ALA A 93 -4.19 6.47 -8.33
CA ALA A 93 -3.88 6.65 -6.92
C ALA A 93 -4.90 5.98 -6.03
N VAL A 94 -4.59 5.92 -4.73
CA VAL A 94 -5.58 5.51 -3.74
C VAL A 94 -6.32 6.75 -3.28
N TYR A 95 -7.65 6.73 -3.38
CA TYR A 95 -8.45 7.89 -3.02
C TYR A 95 -9.14 7.72 -1.67
N PHE A 96 -9.04 8.75 -0.84
CA PHE A 96 -9.68 8.74 0.48
C PHE A 96 -10.78 9.80 0.54
N CYS A 97 -11.92 9.44 1.10
CA CYS A 97 -12.89 10.45 1.50
C CYS A 97 -12.70 10.69 2.99
N ALA A 98 -12.89 11.94 3.42
CA ALA A 98 -12.59 12.31 4.80
C ALA A 98 -13.55 13.36 5.35
N ARG A 99 -13.49 13.56 6.66
CA ARG A 99 -14.40 14.46 7.35
C ARG A 99 -13.60 15.44 8.20
N GLY A 100 -13.88 16.73 8.05
CA GLY A 100 -13.22 17.74 8.87
C GLY A 100 -13.90 17.88 10.20
N MET A 101 -13.15 18.26 11.23
CA MET A 101 -13.72 18.39 12.57
C MET A 101 -14.78 19.48 12.63
N GLU A 102 -15.82 19.24 13.43
CA GLU A 102 -16.99 20.10 13.49
C GLU A 102 -16.69 21.56 13.85
N GLY A 103 -17.14 22.48 13.00
CA GLY A 103 -17.12 23.89 13.31
C GLY A 103 -15.77 24.59 13.23
N LEU A 104 -14.73 23.86 12.89
CA LEU A 104 -13.39 24.45 12.83
C LEU A 104 -13.23 25.36 11.60
N PHE A 105 -12.41 26.40 11.74
CA PHE A 105 -11.97 27.16 10.58
C PHE A 105 -11.02 26.27 9.80
N ALA A 106 -11.19 26.25 8.49
CA ALA A 106 -10.43 25.37 7.61
C ALA A 106 -10.49 23.92 8.10
N ALA A 107 -11.71 23.42 8.29
CA ALA A 107 -11.92 22.06 8.77
C ALA A 107 -11.40 21.04 7.78
N TYR A 108 -11.38 21.43 6.51
CA TYR A 108 -10.84 20.60 5.43
C TYR A 108 -9.35 20.30 5.60
N ASN A 109 -8.72 20.97 6.57
CA ASN A 109 -7.32 20.79 6.89
C ASN A 109 -7.12 19.95 8.15
N SER A 110 -8.19 19.79 8.92
CA SER A 110 -8.15 19.03 10.16
C SER A 110 -9.04 17.79 10.07
N LEU A 111 -8.58 16.81 9.30
CA LEU A 111 -9.36 15.62 8.98
C LEU A 111 -9.17 14.50 10.01
N ASP A 112 -10.20 14.28 10.83
CA ASP A 112 -10.13 13.28 11.90
C ASP A 112 -10.88 11.98 11.56
N VAL A 113 -11.82 12.06 10.61
CA VAL A 113 -12.56 10.88 10.18
C VAL A 113 -12.21 10.53 8.74
N TRP A 114 -11.87 9.26 8.51
CA TRP A 114 -11.42 8.82 7.19
C TRP A 114 -12.16 7.58 6.69
N GLY A 115 -12.13 7.37 5.37
CA GLY A 115 -12.60 6.14 4.78
C GLY A 115 -11.43 5.18 4.68
N ARG A 116 -11.65 4.00 4.14
CA ARG A 116 -10.59 3.00 4.04
C ARG A 116 -9.66 3.23 2.86
N GLY A 117 -10.11 4.04 1.90
CA GLY A 117 -9.34 4.27 0.71
C GLY A 117 -9.72 3.31 -0.41
N LEU A 118 -9.67 3.80 -1.64
CA LEU A 118 -10.04 3.00 -2.81
C LEU A 118 -9.03 3.24 -3.91
N LEU A 119 -8.33 2.18 -4.32
CA LEU A 119 -7.37 2.29 -5.40
C LEU A 119 -8.06 2.27 -6.77
N VAL A 120 -7.83 3.30 -7.56
CA VAL A 120 -8.28 3.29 -8.94
C VAL A 120 -7.11 3.49 -9.91
N THR A 121 -7.02 2.58 -10.87
CA THR A 121 -5.96 2.58 -11.88
C THR A 121 -6.48 3.19 -13.17
N VAL A 122 -5.68 4.04 -13.80
CA VAL A 122 -6.04 4.61 -15.10
C VAL A 122 -5.18 4.01 -16.21
N SER A 123 -5.81 3.23 -17.08
CA SER A 123 -5.10 2.52 -18.14
C SER A 123 -6.04 2.12 -19.26
N GLY A 124 -5.49 1.96 -20.47
CA GLY A 124 -6.27 1.51 -21.61
C GLY A 124 -6.37 -0.01 -21.66
N ALA A 125 -5.50 -0.67 -20.90
CA ALA A 125 -5.51 -2.13 -20.81
C ALA A 125 -6.85 -2.64 -20.29
N SER A 126 -7.23 -3.85 -20.71
CA SER A 126 -8.50 -4.43 -20.32
C SER A 126 -8.39 -5.28 -19.06
N THR A 127 -9.52 -5.54 -18.42
CA THR A 127 -9.56 -6.38 -17.23
C THR A 127 -9.18 -7.82 -17.58
N LYS A 128 -8.24 -8.39 -16.83
CA LYS A 128 -7.80 -9.77 -17.07
C LYS A 128 -7.71 -10.58 -15.78
N GLY A 129 -8.50 -11.64 -15.70
CA GLY A 129 -8.44 -12.54 -14.56
C GLY A 129 -7.15 -13.33 -14.55
N PRO A 130 -6.70 -13.75 -13.36
CA PRO A 130 -5.43 -14.46 -13.21
C PRO A 130 -5.52 -15.94 -13.52
N SER A 131 -4.36 -16.57 -13.65
CA SER A 131 -4.27 -18.03 -13.72
C SER A 131 -3.67 -18.50 -12.40
N VAL A 132 -4.31 -19.48 -11.76
CA VAL A 132 -3.84 -19.93 -10.45
C VAL A 132 -3.18 -21.30 -10.53
N PHE A 133 -1.89 -21.34 -10.24
CA PHE A 133 -1.14 -22.59 -10.25
C PHE A 133 -0.72 -22.97 -8.83
N PRO A 134 -0.90 -24.25 -8.48
CA PRO A 134 -0.50 -24.73 -7.15
C PRO A 134 1.01 -24.90 -7.09
N LEU A 135 1.59 -24.56 -5.94
CA LEU A 135 3.01 -24.80 -5.73
C LEU A 135 3.16 -25.94 -4.74
N ALA A 136 3.33 -27.15 -5.27
CA ALA A 136 3.37 -28.37 -4.45
C ALA A 136 4.63 -28.45 -3.59
N PRO A 137 4.48 -29.00 -2.37
CA PRO A 137 5.61 -29.23 -1.46
C PRO A 137 6.54 -30.31 -1.99
N SER A 138 7.75 -30.40 -1.45
CA SER A 138 8.72 -31.40 -1.89
C SER A 138 8.26 -32.83 -1.60
N GLY A 144 12.25 -30.28 6.85
CA GLY A 144 12.67 -30.90 8.10
C GLY A 144 11.61 -30.81 9.18
N GLY A 145 10.62 -31.70 9.10
CA GLY A 145 9.50 -31.69 10.03
C GLY A 145 8.38 -30.82 9.50
N THR A 146 8.74 -29.83 8.69
CA THR A 146 7.78 -28.92 8.09
C THR A 146 7.98 -28.84 6.58
N ALA A 147 6.97 -28.37 5.86
CA ALA A 147 7.05 -28.25 4.41
C ALA A 147 6.38 -26.97 3.92
N ALA A 148 6.81 -26.48 2.77
CA ALA A 148 6.25 -25.27 2.18
C ALA A 148 5.43 -25.58 0.93
N LEU A 149 4.21 -25.04 0.88
CA LEU A 149 3.37 -25.14 -0.30
C LEU A 149 2.70 -23.79 -0.54
N GLY A 150 2.31 -23.53 -1.78
CA GLY A 150 1.71 -22.24 -2.09
C GLY A 150 0.88 -22.15 -3.34
N CYS A 151 0.38 -20.94 -3.60
CA CYS A 151 -0.36 -20.65 -4.82
C CYS A 151 0.40 -19.62 -5.63
N LEU A 152 0.32 -19.75 -6.95
CA LEU A 152 0.88 -18.76 -7.85
C LEU A 152 -0.25 -18.08 -8.62
N VAL A 153 -0.44 -16.79 -8.36
CA VAL A 153 -1.47 -16.00 -9.03
C VAL A 153 -0.81 -15.20 -10.15
N LYS A 154 -0.98 -15.66 -11.40
CA LYS A 154 -0.20 -15.12 -12.51
C LYS A 154 -1.00 -14.27 -13.50
N ASP A 155 -0.38 -13.17 -13.93
CA ASP A 155 -0.86 -12.35 -15.04
C ASP A 155 -2.30 -11.86 -14.89
N TYR A 156 -2.51 -10.89 -14.01
CA TYR A 156 -3.83 -10.29 -13.84
C TYR A 156 -3.78 -8.77 -13.94
N PHE A 157 -4.94 -8.17 -14.20
CA PHE A 157 -5.05 -6.72 -14.27
C PHE A 157 -6.51 -6.28 -14.08
N PRO A 158 -6.73 -5.24 -13.26
CA PRO A 158 -5.67 -4.57 -12.49
C PRO A 158 -5.66 -5.06 -11.05
N GLU A 159 -4.97 -4.35 -10.18
CA GLU A 159 -4.98 -4.63 -8.75
C GLU A 159 -6.38 -4.32 -8.20
N PRO A 160 -6.76 -4.98 -7.07
CA PRO A 160 -5.97 -5.97 -6.35
C PRO A 160 -6.57 -7.38 -6.38
N VAL A 161 -5.86 -8.32 -5.77
CA VAL A 161 -6.39 -9.65 -5.52
C VAL A 161 -6.27 -9.96 -4.02
N THR A 162 -7.11 -10.86 -3.54
CA THR A 162 -7.02 -11.30 -2.15
C THR A 162 -6.75 -12.80 -2.09
N VAL A 163 -5.92 -13.22 -1.15
CA VAL A 163 -5.60 -14.63 -0.98
C VAL A 163 -5.85 -15.07 0.46
N SER A 164 -6.51 -16.20 0.63
CA SER A 164 -6.63 -16.83 1.94
C SER A 164 -6.46 -18.34 1.80
N TRP A 165 -6.16 -19.00 2.91
CA TRP A 165 -6.00 -20.45 2.91
C TRP A 165 -7.09 -21.09 3.76
N ASN A 166 -7.78 -22.08 3.19
CA ASN A 166 -8.88 -22.75 3.87
C ASN A 166 -9.93 -21.78 4.40
N SER A 167 -10.25 -20.77 3.60
CA SER A 167 -11.24 -19.75 3.93
C SER A 167 -10.98 -19.04 5.26
N GLY A 168 -9.71 -18.88 5.59
CA GLY A 168 -9.33 -18.16 6.81
C GLY A 168 -8.95 -19.05 7.96
N ALA A 169 -9.34 -20.33 7.89
CA ALA A 169 -9.05 -21.28 8.96
C ALA A 169 -7.54 -21.49 9.15
N LEU A 170 -6.79 -21.34 8.06
CA LEU A 170 -5.34 -21.50 8.09
C LEU A 170 -4.66 -20.13 8.05
N THR A 171 -4.01 -19.77 9.16
CA THR A 171 -3.37 -18.45 9.25
C THR A 171 -1.91 -18.53 9.68
N SER A 172 -1.60 -19.48 10.55
CA SER A 172 -0.22 -19.66 11.02
C SER A 172 0.72 -20.08 9.89
N GLY A 173 1.84 -19.38 9.77
CA GLY A 173 2.84 -19.71 8.76
C GLY A 173 2.50 -19.27 7.35
N VAL A 174 1.48 -18.40 7.22
CA VAL A 174 1.09 -17.90 5.91
C VAL A 174 1.78 -16.58 5.59
N HIS A 175 2.37 -16.48 4.41
CA HIS A 175 2.94 -15.21 3.94
C HIS A 175 2.49 -14.92 2.51
N THR A 176 1.57 -13.98 2.35
CA THR A 176 1.13 -13.56 1.03
C THR A 176 1.97 -12.37 0.57
N PHE A 177 2.58 -12.50 -0.60
CA PHE A 177 3.52 -11.50 -1.07
C PHE A 177 2.88 -10.47 -2.00
N PRO A 178 3.33 -9.20 -1.89
CA PRO A 178 2.90 -8.14 -2.79
C PRO A 178 3.23 -8.49 -4.24
N ALA A 179 2.44 -7.99 -5.18
CA ALA A 179 2.59 -8.38 -6.58
C ALA A 179 3.77 -7.72 -7.28
N VAL A 180 4.28 -8.40 -8.29
CA VAL A 180 5.28 -7.81 -9.19
C VAL A 180 4.55 -7.25 -10.41
N LEU A 181 4.97 -6.07 -10.87
CA LEU A 181 4.47 -5.55 -12.14
C LEU A 181 5.44 -5.89 -13.25
N GLN A 182 4.97 -6.64 -14.25
CA GLN A 182 5.83 -7.10 -15.33
C GLN A 182 5.80 -6.14 -16.51
N SER A 183 6.81 -6.23 -17.37
CA SER A 183 6.91 -5.36 -18.54
C SER A 183 5.72 -5.55 -19.49
N SER A 184 5.01 -6.66 -19.33
CA SER A 184 3.77 -6.90 -20.06
C SER A 184 2.66 -5.98 -19.54
N GLY A 185 2.85 -5.45 -18.34
CA GLY A 185 1.86 -4.59 -17.73
C GLY A 185 0.89 -5.39 -16.88
N LEU A 186 1.16 -6.68 -16.72
CA LEU A 186 0.33 -7.56 -15.91
C LEU A 186 0.95 -7.81 -14.54
N TYR A 187 0.12 -8.16 -13.57
CA TYR A 187 0.58 -8.41 -12.22
C TYR A 187 0.67 -9.91 -11.92
N SER A 188 1.58 -10.27 -11.04
CA SER A 188 1.67 -11.63 -10.52
C SER A 188 2.06 -11.58 -9.06
N LEU A 189 1.43 -12.42 -8.23
CA LEU A 189 1.88 -12.57 -6.85
C LEU A 189 1.82 -14.03 -6.40
N SER A 190 2.33 -14.26 -5.20
CA SER A 190 2.40 -15.61 -4.66
C SER A 190 2.07 -15.61 -3.17
N SER A 191 1.49 -16.72 -2.71
CA SER A 191 1.27 -16.93 -1.29
C SER A 191 1.86 -18.28 -0.94
N VAL A 192 2.40 -18.40 0.27
CA VAL A 192 3.04 -19.62 0.70
C VAL A 192 2.70 -19.89 2.17
N VAL A 193 2.63 -21.16 2.54
CA VAL A 193 2.36 -21.53 3.92
C VAL A 193 3.20 -22.74 4.34
N THR A 194 3.74 -22.68 5.55
CA THR A 194 4.57 -23.77 6.08
C THR A 194 3.75 -24.64 7.02
N VAL A 195 3.68 -25.93 6.70
CA VAL A 195 2.83 -26.86 7.43
C VAL A 195 3.63 -28.08 7.90
N PRO A 196 3.13 -28.80 8.93
CA PRO A 196 3.79 -30.04 9.32
C PRO A 196 3.75 -31.08 8.20
N SER A 197 4.91 -31.61 7.84
CA SER A 197 5.03 -32.52 6.71
C SER A 197 4.27 -33.83 6.89
N SER A 198 3.94 -34.18 8.12
CA SER A 198 3.19 -35.40 8.41
C SER A 198 1.71 -35.24 8.06
N SER A 199 1.29 -34.02 7.76
CA SER A 199 -0.11 -33.74 7.46
C SER A 199 -0.40 -33.74 5.96
N LEU A 200 0.65 -33.92 5.16
CA LEU A 200 0.50 -33.97 3.70
C LEU A 200 -0.18 -35.28 3.30
N GLY A 201 -1.18 -35.19 2.44
CA GLY A 201 -1.91 -36.37 1.99
C GLY A 201 -3.17 -36.63 2.78
N THR A 202 -3.28 -35.98 3.95
CA THR A 202 -4.46 -36.09 4.79
C THR A 202 -5.18 -34.75 4.96
N GLN A 203 -4.42 -33.70 5.24
CA GLN A 203 -4.99 -32.36 5.42
C GLN A 203 -5.22 -31.65 4.10
N THR A 204 -6.47 -31.28 3.84
CA THR A 204 -6.81 -30.49 2.65
C THR A 204 -6.22 -29.09 2.74
N TYR A 205 -5.58 -28.64 1.66
CA TYR A 205 -5.06 -27.28 1.61
C TYR A 205 -5.61 -26.54 0.39
N ILE A 206 -6.47 -25.57 0.65
CA ILE A 206 -7.11 -24.82 -0.43
C ILE A 206 -6.69 -23.35 -0.44
N CYS A 207 -6.11 -22.93 -1.56
CA CYS A 207 -5.75 -21.54 -1.77
C CYS A 207 -6.96 -20.81 -2.35
N ASN A 208 -7.44 -19.80 -1.62
CA ASN A 208 -8.60 -19.03 -2.07
C ASN A 208 -8.17 -17.74 -2.76
N VAL A 209 -8.42 -17.65 -4.07
CA VAL A 209 -8.01 -16.48 -4.83
C VAL A 209 -9.21 -15.68 -5.34
N ASN A 210 -9.20 -14.38 -5.08
CA ASN A 210 -10.27 -13.50 -5.53
C ASN A 210 -9.75 -12.32 -6.33
N HIS A 211 -10.29 -12.13 -7.52
CA HIS A 211 -10.00 -10.95 -8.33
C HIS A 211 -11.30 -10.30 -8.75
N LYS A 212 -11.79 -9.40 -7.90
CA LYS A 212 -13.06 -8.72 -8.11
C LYS A 212 -13.24 -7.98 -9.45
N PRO A 213 -12.19 -7.30 -9.95
CA PRO A 213 -12.34 -6.63 -11.25
C PRO A 213 -12.76 -7.57 -12.39
N SER A 214 -12.39 -8.84 -12.31
CA SER A 214 -12.74 -9.80 -13.35
C SER A 214 -13.83 -10.76 -12.90
N ASN A 215 -14.36 -10.53 -11.71
CA ASN A 215 -15.37 -11.40 -11.11
C ASN A 215 -14.92 -12.85 -11.03
N THR A 216 -13.62 -13.05 -10.85
CA THR A 216 -13.05 -14.40 -10.78
C THR A 216 -12.81 -14.85 -9.35
N LYS A 217 -13.32 -16.03 -9.02
CA LYS A 217 -13.13 -16.64 -7.72
C LYS A 217 -12.60 -18.06 -7.92
N VAL A 218 -11.46 -18.37 -7.32
CA VAL A 218 -10.84 -19.68 -7.48
C VAL A 218 -10.51 -20.33 -6.13
N ASP A 219 -10.86 -21.61 -5.99
CA ASP A 219 -10.45 -22.38 -4.83
C ASP A 219 -9.52 -23.50 -5.27
N LYS A 220 -8.22 -23.20 -5.29
CA LYS A 220 -7.22 -24.15 -5.79
C LYS A 220 -6.76 -25.13 -4.71
N ARG A 221 -6.87 -26.41 -5.02
CA ARG A 221 -6.34 -27.45 -4.14
C ARG A 221 -4.85 -27.61 -4.38
N VAL A 222 -4.06 -27.57 -3.31
CA VAL A 222 -2.62 -27.77 -3.43
C VAL A 222 -2.25 -29.13 -2.83
N GLU A 223 -1.80 -30.05 -3.67
CA GLU A 223 -1.55 -31.42 -3.26
C GLU A 223 -0.11 -31.85 -3.54
N PRO A 224 0.40 -32.82 -2.77
CA PRO A 224 1.77 -33.35 -2.93
C PRO A 224 1.93 -34.22 -4.18
N LYS A 225 3.15 -34.71 -4.41
CA LYS A 225 3.46 -35.60 -5.54
C LYS A 225 3.07 -34.99 -6.87
N GLN B 1 1.42 29.29 -4.39
CA GLN B 1 1.55 28.74 -3.06
C GLN B 1 2.53 27.56 -3.03
N ALA B 2 3.75 27.84 -2.55
CA ALA B 2 4.80 26.82 -2.49
C ALA B 2 4.42 25.70 -1.53
N ALA B 3 4.94 24.51 -1.78
CA ALA B 3 4.68 23.36 -0.93
C ALA B 3 5.34 23.53 0.43
N LEU B 4 4.79 22.86 1.44
CA LEU B 4 5.43 22.79 2.74
C LEU B 4 6.60 21.82 2.60
N THR B 5 7.73 22.16 3.23
CA THR B 5 8.93 21.34 3.10
C THR B 5 9.27 20.60 4.38
N GLN B 6 9.27 19.27 4.31
CA GLN B 6 9.65 18.43 5.44
C GLN B 6 10.95 17.69 5.12
N PRO B 7 11.73 17.35 6.16
CA PRO B 7 12.84 16.43 5.93
C PRO B 7 12.29 15.06 5.56
N PRO B 8 12.86 14.42 4.54
CA PRO B 8 12.34 13.12 4.08
C PRO B 8 12.53 12.01 5.11
N SER B 9 13.61 12.10 5.88
CA SER B 9 13.95 11.04 6.83
C SER B 9 14.27 11.59 8.22
N VAL B 10 13.90 10.81 9.24
CA VAL B 10 14.20 11.17 10.63
C VAL B 10 14.25 9.90 11.49
N SER B 11 15.14 9.88 12.47
CA SER B 11 15.33 8.69 13.30
C SER B 11 15.50 9.03 14.77
N GLY B 12 15.22 8.06 15.63
CA GLY B 12 15.38 8.22 17.07
C GLY B 12 15.43 6.89 17.78
N SER B 13 15.95 6.91 19.01
CA SER B 13 16.08 5.69 19.81
C SER B 13 14.89 5.53 20.74
N PRO B 14 14.57 4.28 21.11
CA PRO B 14 13.46 3.98 22.04
C PRO B 14 13.57 4.76 23.35
N GLY B 15 12.48 5.41 23.75
CA GLY B 15 12.46 6.19 24.97
C GLY B 15 12.93 7.63 24.78
N GLN B 16 13.59 7.90 23.65
CA GLN B 16 14.11 9.24 23.37
C GLN B 16 13.07 10.10 22.68
N SER B 17 13.50 11.28 22.21
CA SER B 17 12.61 12.20 21.52
C SER B 17 12.98 12.35 20.05
N VAL B 18 12.03 12.86 19.27
CA VAL B 18 12.26 13.16 17.86
C VAL B 18 11.45 14.41 17.49
N ILE B 19 12.06 15.32 16.73
CA ILE B 19 11.37 16.52 16.28
C ILE B 19 11.32 16.55 14.76
N ILE B 20 10.13 16.78 14.21
CA ILE B 20 9.95 16.84 12.76
C ILE B 20 9.52 18.24 12.34
N SER B 21 10.22 18.80 11.35
CA SER B 21 9.96 20.17 10.93
C SER B 21 9.07 20.28 9.69
N CYS B 22 8.25 21.32 9.68
CA CYS B 22 7.44 21.65 8.50
C CYS B 22 7.58 23.14 8.22
N THR B 23 8.26 23.48 7.13
CA THR B 23 8.50 24.87 6.78
C THR B 23 7.52 25.36 5.72
N GLY B 24 6.89 26.50 5.99
CA GLY B 24 5.98 27.12 5.05
C GLY B 24 6.38 28.55 4.78
N THR B 25 5.39 29.43 4.63
CA THR B 25 5.65 30.85 4.41
C THR B 25 4.90 31.70 5.43
N SER B 26 5.14 33.01 5.38
CA SER B 26 4.52 33.95 6.32
C SER B 26 3.00 34.08 6.11
N SER B 27 2.51 33.58 4.98
CA SER B 27 1.10 33.72 4.65
C SER B 27 0.29 32.43 4.86
N ASP B 28 0.96 31.36 5.29
CA ASP B 28 0.24 30.14 5.68
C ASP B 28 0.51 29.76 7.15
N ILE B 29 1.63 29.09 7.40
CA ILE B 29 2.01 28.72 8.77
C ILE B 29 2.25 29.95 9.63
N GLY B 30 2.89 30.96 9.04
CA GLY B 30 3.17 32.20 9.74
C GLY B 30 1.94 33.00 10.10
N GLN B 31 0.94 33.01 9.22
CA GLN B 31 -0.24 33.86 9.42
C GLN B 31 -1.36 33.18 10.21
N TYR B 32 -1.56 31.88 10.01
CA TYR B 32 -2.68 31.19 10.63
C TYR B 32 -2.28 30.20 11.73
N ASN B 33 -3.26 29.84 12.56
CA ASN B 33 -3.07 28.79 13.55
C ASN B 33 -3.77 27.52 13.11
N SER B 34 -3.61 27.17 11.83
CA SER B 34 -4.25 26.01 11.25
C SER B 34 -3.22 25.03 10.69
N VAL B 35 -2.37 24.51 11.56
CA VAL B 35 -1.39 23.49 11.19
C VAL B 35 -1.81 22.13 11.73
N SER B 36 -1.85 21.12 10.85
CA SER B 36 -2.21 19.78 11.26
C SER B 36 -1.08 18.80 11.01
N TRP B 37 -1.01 17.75 11.82
CA TRP B 37 -0.03 16.70 11.64
C TRP B 37 -0.74 15.35 11.52
N TYR B 38 -0.32 14.55 10.53
CA TYR B 38 -0.95 13.26 10.27
C TYR B 38 0.02 12.11 10.39
N GLN B 39 -0.42 11.03 11.02
CA GLN B 39 0.38 9.81 11.12
C GLN B 39 -0.19 8.75 10.19
N GLN B 40 0.67 8.12 9.39
CA GLN B 40 0.22 7.09 8.46
C GLN B 40 1.10 5.85 8.47
N HIS B 41 0.48 4.71 8.79
CA HIS B 41 1.15 3.43 8.72
C HIS B 41 0.92 2.83 7.33
N PRO B 42 1.78 1.87 6.91
CA PRO B 42 1.66 1.25 5.58
C PRO B 42 0.27 0.70 5.29
N ASP B 43 -0.27 1.04 4.11
CA ASP B 43 -1.58 0.57 3.66
C ASP B 43 -2.72 0.88 4.63
N LYS B 44 -2.67 2.06 5.25
CA LYS B 44 -3.74 2.52 6.12
C LYS B 44 -4.06 3.98 5.84
N ALA B 45 -5.25 4.41 6.24
CA ALA B 45 -5.59 5.82 6.14
C ALA B 45 -4.77 6.58 7.15
N PRO B 46 -4.28 7.77 6.78
CA PRO B 46 -3.59 8.62 7.76
C PRO B 46 -4.49 8.95 8.94
N LYS B 47 -3.90 9.35 10.06
CA LYS B 47 -4.65 9.60 11.28
C LYS B 47 -4.29 10.96 11.86
N LEU B 48 -5.31 11.76 12.17
CA LEU B 48 -5.09 13.09 12.74
C LEU B 48 -4.45 12.96 14.14
N VAL B 49 -3.28 13.58 14.29
CA VAL B 49 -2.52 13.53 15.53
C VAL B 49 -2.45 14.90 16.19
N ILE B 50 -2.35 15.93 15.36
CA ILE B 50 -2.31 17.32 15.81
C ILE B 50 -3.14 18.17 14.85
N TYR B 51 -3.93 19.10 15.41
CA TYR B 51 -4.63 20.10 14.61
C TYR B 51 -4.52 21.43 15.34
N GLY B 52 -4.74 22.53 14.62
CA GLY B 52 -4.68 23.85 15.22
C GLY B 52 -3.34 24.11 15.90
N VAL B 53 -2.27 23.67 15.24
CA VAL B 53 -0.89 23.85 15.71
C VAL B 53 -0.52 23.05 16.96
N THR B 54 -1.36 23.12 18.00
CA THR B 54 -0.99 22.60 19.32
C THR B 54 -1.95 21.56 19.90
N SER B 55 -3.15 21.48 19.34
CA SER B 55 -4.21 20.65 19.93
C SER B 55 -4.15 19.17 19.52
N ARG B 56 -4.54 18.30 20.45
CA ARG B 56 -4.63 16.86 20.18
C ARG B 56 -6.09 16.42 20.08
N PRO B 57 -6.41 15.58 19.09
CA PRO B 57 -7.75 15.02 18.96
C PRO B 57 -8.01 13.99 20.05
N SER B 58 -9.25 13.52 20.15
CA SER B 58 -9.62 12.52 21.15
C SER B 58 -8.82 11.24 20.98
N GLY B 59 -8.19 10.78 22.07
CA GLY B 59 -7.48 9.52 22.07
C GLY B 59 -6.07 9.53 21.49
N VAL B 60 -5.46 10.71 21.42
CA VAL B 60 -4.08 10.81 20.95
C VAL B 60 -3.14 11.01 22.14
N SER B 61 -2.05 10.24 22.17
CA SER B 61 -1.11 10.26 23.29
C SER B 61 -0.51 11.64 23.56
N ASP B 62 -0.29 11.93 24.83
CA ASP B 62 0.33 13.18 25.26
C ASP B 62 1.78 13.28 24.79
N ARG B 63 2.33 12.16 24.35
CA ARG B 63 3.70 12.12 23.83
C ARG B 63 3.85 12.93 22.55
N PHE B 64 2.73 13.17 21.87
CA PHE B 64 2.71 13.97 20.65
C PHE B 64 2.37 15.42 20.97
N SER B 65 3.24 16.35 20.55
CA SER B 65 3.01 17.76 20.77
C SER B 65 3.44 18.59 19.57
N GLY B 66 2.66 19.62 19.27
CA GLY B 66 2.96 20.49 18.14
C GLY B 66 3.25 21.90 18.58
N SER B 67 4.01 22.62 17.76
CA SER B 67 4.32 24.02 18.02
C SER B 67 4.75 24.66 16.72
N LYS B 68 4.99 25.97 16.76
CA LYS B 68 5.50 26.67 15.58
C LYS B 68 6.30 27.90 16.00
N TYR B 69 7.21 28.30 15.10
CA TYR B 69 8.06 29.46 15.33
C TYR B 69 8.34 30.07 13.97
N GLY B 70 7.73 31.24 13.72
CA GLY B 70 7.83 31.86 12.41
C GLY B 70 7.06 31.08 11.37
N ASP B 71 7.72 30.76 10.26
CA ASP B 71 7.08 30.06 9.15
C ASP B 71 7.18 28.55 9.28
N THR B 72 7.71 28.09 10.42
CA THR B 72 8.00 26.67 10.61
C THR B 72 7.20 26.05 11.76
N ALA B 73 6.53 24.94 11.46
CA ALA B 73 5.82 24.17 12.49
C ALA B 73 6.63 22.93 12.85
N SER B 74 6.47 22.45 14.08
CA SER B 74 7.22 21.29 14.54
C SER B 74 6.35 20.27 15.26
N LEU B 75 6.56 18.99 14.96
CA LEU B 75 5.92 17.90 15.70
C LEU B 75 6.97 17.21 16.55
N THR B 76 6.70 17.12 17.86
CA THR B 76 7.62 16.47 18.78
C THR B 76 7.04 15.15 19.30
N ILE B 77 7.84 14.10 19.27
CA ILE B 77 7.42 12.79 19.76
C ILE B 77 8.37 12.32 20.86
N SER B 78 7.87 12.25 22.10
CA SER B 78 8.67 11.79 23.23
C SER B 78 8.28 10.37 23.62
N GLY B 79 9.14 9.70 24.39
CA GLY B 79 8.89 8.33 24.78
C GLY B 79 8.76 7.42 23.58
N LEU B 80 9.73 7.55 22.67
CA LEU B 80 9.70 6.88 21.37
C LEU B 80 9.51 5.36 21.45
N GLN B 81 8.46 4.88 20.79
CA GLN B 81 8.16 3.45 20.74
C GLN B 81 8.29 2.92 19.31
N ALA B 82 8.32 1.60 19.16
CA ALA B 82 8.46 0.99 17.85
C ALA B 82 7.21 1.18 16.98
N GLU B 83 6.06 1.36 17.64
CA GLU B 83 4.80 1.54 16.92
C GLU B 83 4.64 2.97 16.40
N ASP B 84 5.54 3.86 16.81
CA ASP B 84 5.52 5.23 16.31
C ASP B 84 6.19 5.32 14.95
N GLU B 85 6.76 4.20 14.52
CA GLU B 85 7.42 4.10 13.23
C GLU B 85 6.39 4.25 12.11
N ALA B 86 6.38 5.40 11.44
CA ALA B 86 5.39 5.68 10.41
C ALA B 86 5.81 6.85 9.52
N ASP B 87 4.94 7.19 8.57
CA ASP B 87 5.12 8.40 7.78
C ASP B 87 4.33 9.55 8.42
N TYR B 88 4.93 10.73 8.47
CA TYR B 88 4.31 11.88 9.10
C TYR B 88 4.16 13.05 8.14
N TYR B 89 2.94 13.56 8.04
CA TYR B 89 2.63 14.67 7.13
C TYR B 89 2.12 15.88 7.89
N CYS B 90 2.66 17.05 7.57
CA CYS B 90 2.12 18.30 8.09
C CYS B 90 1.18 18.89 7.05
N SER B 91 0.29 19.76 7.49
CA SER B 91 -0.61 20.44 6.58
C SER B 91 -1.01 21.79 7.15
N SER B 92 -1.35 22.73 6.27
CA SER B 92 -1.76 24.05 6.71
C SER B 92 -2.82 24.65 5.79
N HIS B 93 -3.66 25.50 6.37
CA HIS B 93 -4.58 26.28 5.58
C HIS B 93 -3.79 27.27 4.72
N ALA B 94 -4.25 27.47 3.49
CA ALA B 94 -3.69 28.49 2.62
C ALA B 94 -4.84 29.26 1.98
N ASP B 95 -4.72 30.57 1.94
CA ASP B 95 -5.82 31.41 1.45
C ASP B 95 -6.19 31.09 0.00
N GLU B 96 -7.47 31.29 -0.30
CA GLU B 96 -8.20 30.71 -1.44
C GLU B 96 -8.78 29.34 -1.07
N ASN B 97 -9.15 29.20 0.20
CA ASN B 97 -9.88 28.04 0.70
C ASN B 97 -9.25 26.69 0.39
N MET B 98 -7.96 26.56 0.66
CA MET B 98 -7.26 25.32 0.35
C MET B 98 -6.33 24.86 1.47
N ALA B 99 -5.89 23.61 1.39
CA ALA B 99 -4.95 23.06 2.35
C ALA B 99 -3.66 22.63 1.64
N LEU B 100 -2.53 22.86 2.28
CA LEU B 100 -1.24 22.48 1.70
C LEU B 100 -0.64 21.32 2.48
N PHE B 101 -0.11 20.32 1.77
CA PHE B 101 0.55 19.19 2.44
C PHE B 101 2.06 19.30 2.34
N GLY B 102 2.75 18.69 3.29
CA GLY B 102 4.20 18.54 3.21
C GLY B 102 4.52 17.28 2.43
N GLY B 103 5.80 17.07 2.13
CA GLY B 103 6.21 15.91 1.38
C GLY B 103 6.23 14.63 2.21
N GLY B 104 6.12 14.79 3.52
CA GLY B 104 6.13 13.66 4.43
C GLY B 104 7.49 13.35 4.99
N THR B 105 7.51 12.78 6.20
CA THR B 105 8.75 12.38 6.85
C THR B 105 8.66 10.95 7.34
N ARG B 106 9.61 10.11 6.96
CA ARG B 106 9.65 8.73 7.40
C ARG B 106 10.41 8.60 8.71
N LEU B 107 9.72 8.22 9.77
CA LEU B 107 10.34 8.05 11.09
C LEU B 107 10.83 6.63 11.32
N THR B 108 12.13 6.50 11.56
CA THR B 108 12.73 5.20 11.87
C THR B 108 13.07 5.12 13.35
N VAL B 109 12.64 4.04 14.00
CA VAL B 109 13.03 3.81 15.40
C VAL B 109 14.22 2.86 15.44
N LEU B 110 15.32 3.35 16.03
CA LEU B 110 16.59 2.61 16.03
C LEU B 110 16.57 1.43 16.99
N GLY B 111 17.45 0.46 16.73
CA GLY B 111 17.65 -0.65 17.65
C GLY B 111 16.92 -1.93 17.28
N GLN B 112 16.42 -2.01 16.06
CA GLN B 112 15.77 -3.23 15.59
C GLN B 112 16.84 -4.27 15.24
N PRO B 113 16.74 -5.47 15.83
CA PRO B 113 17.71 -6.55 15.59
C PRO B 113 17.77 -6.94 14.13
N LYS B 114 18.97 -7.24 13.64
CA LYS B 114 19.14 -7.68 12.26
C LYS B 114 18.52 -9.06 12.08
N GLY B 115 18.00 -9.32 10.88
CA GLY B 115 17.46 -10.63 10.56
C GLY B 115 17.98 -11.11 9.22
N ALA B 116 18.16 -12.42 9.09
CA ALA B 116 18.58 -13.00 7.82
C ALA B 116 17.36 -13.48 7.04
N PRO B 117 17.41 -13.35 5.71
CA PRO B 117 16.26 -13.74 4.87
C PRO B 117 15.99 -15.24 4.88
N SER B 118 14.71 -15.61 4.97
CA SER B 118 14.30 -16.98 4.75
C SER B 118 13.89 -17.12 3.29
N VAL B 119 14.53 -18.04 2.58
CA VAL B 119 14.33 -18.13 1.14
C VAL B 119 13.65 -19.45 0.74
N THR B 120 12.59 -19.35 -0.05
CA THR B 120 11.89 -20.52 -0.55
C THR B 120 11.76 -20.44 -2.07
N LEU B 121 12.36 -21.41 -2.76
CA LEU B 121 12.32 -21.44 -4.22
C LEU B 121 11.35 -22.50 -4.73
N PHE B 122 10.49 -22.10 -5.66
CA PHE B 122 9.54 -23.04 -6.25
C PHE B 122 9.82 -23.27 -7.74
N PRO B 123 9.77 -24.54 -8.17
CA PRO B 123 9.91 -24.92 -9.58
C PRO B 123 8.59 -24.69 -10.29
N PRO B 124 8.60 -24.71 -11.63
CA PRO B 124 7.35 -24.59 -12.39
C PRO B 124 6.37 -25.71 -12.07
N SER B 125 5.10 -25.38 -11.87
CA SER B 125 4.07 -26.39 -11.63
C SER B 125 3.81 -27.19 -12.90
N SER B 126 3.30 -28.41 -12.73
CA SER B 126 2.98 -29.26 -13.87
C SER B 126 1.88 -28.61 -14.73
N GLU B 127 0.95 -27.94 -14.07
CA GLU B 127 -0.17 -27.29 -14.74
C GLU B 127 0.28 -26.12 -15.62
N GLU B 128 1.33 -25.42 -15.20
CA GLU B 128 1.85 -24.31 -15.99
C GLU B 128 2.63 -24.84 -17.19
N LEU B 129 3.40 -25.90 -16.98
CA LEU B 129 4.15 -26.55 -18.04
C LEU B 129 3.20 -27.09 -19.11
N GLN B 130 2.07 -27.63 -18.66
CA GLN B 130 1.04 -28.13 -19.57
C GLN B 130 0.38 -26.99 -20.34
N ALA B 131 0.60 -25.77 -19.87
CA ALA B 131 0.16 -24.57 -20.59
C ALA B 131 1.32 -23.99 -21.38
N ASN B 132 2.36 -24.79 -21.57
CA ASN B 132 3.57 -24.40 -22.30
C ASN B 132 4.24 -23.13 -21.76
N LYS B 133 4.26 -23.00 -20.44
CA LYS B 133 4.96 -21.89 -19.79
C LYS B 133 5.66 -22.39 -18.52
N ALA B 134 6.66 -21.63 -18.09
CA ALA B 134 7.45 -22.01 -16.92
C ALA B 134 7.81 -20.78 -16.11
N THR B 135 7.62 -20.87 -14.79
CA THR B 135 7.94 -19.75 -13.91
C THR B 135 8.58 -20.25 -12.62
N LEU B 136 9.74 -19.71 -12.30
CA LEU B 136 10.38 -20.00 -11.02
C LEU B 136 10.00 -18.91 -10.02
N VAL B 137 9.79 -19.31 -8.77
CA VAL B 137 9.34 -18.38 -7.74
C VAL B 137 10.27 -18.39 -6.54
N CYS B 138 10.96 -17.28 -6.32
CA CYS B 138 11.83 -17.13 -5.16
C CYS B 138 11.20 -16.20 -4.14
N LEU B 139 10.82 -16.74 -3.00
CA LEU B 139 10.16 -15.97 -1.95
C LEU B 139 11.12 -15.64 -0.81
N ILE B 140 11.28 -14.34 -0.56
CA ILE B 140 12.23 -13.87 0.44
C ILE B 140 11.49 -13.13 1.56
N SER B 141 11.79 -13.48 2.81
CA SER B 141 11.06 -12.91 3.94
C SER B 141 11.88 -12.80 5.23
N ASP B 142 11.36 -12.04 6.18
CA ASP B 142 11.93 -11.93 7.53
C ASP B 142 13.33 -11.33 7.63
N PHE B 143 13.71 -10.48 6.68
CA PHE B 143 15.04 -9.87 6.73
C PHE B 143 15.03 -8.42 7.20
N TYR B 144 16.05 -8.06 7.98
CA TYR B 144 16.24 -6.68 8.44
C TYR B 144 17.73 -6.34 8.50
N PRO B 145 18.12 -5.17 7.97
CA PRO B 145 17.24 -4.17 7.32
C PRO B 145 16.77 -4.61 5.94
N GLY B 146 15.93 -3.79 5.31
CA GLY B 146 15.25 -4.18 4.09
C GLY B 146 16.00 -3.95 2.79
N ALA B 147 17.26 -4.37 2.74
CA ALA B 147 18.05 -4.28 1.51
C ALA B 147 18.50 -5.68 1.08
N VAL B 148 18.10 -6.07 -0.12
CA VAL B 148 18.40 -7.41 -0.63
C VAL B 148 18.64 -7.37 -2.14
N THR B 149 19.68 -8.07 -2.60
CA THR B 149 19.93 -8.20 -4.03
C THR B 149 19.73 -9.67 -4.46
N VAL B 150 19.18 -9.86 -5.66
CA VAL B 150 18.83 -11.20 -6.12
C VAL B 150 19.55 -11.56 -7.41
N ALA B 151 20.24 -12.70 -7.38
CA ALA B 151 20.90 -13.22 -8.58
C ALA B 151 20.33 -14.58 -8.96
N TRP B 152 20.12 -14.78 -10.26
CA TRP B 152 19.65 -16.06 -10.77
C TRP B 152 20.76 -16.75 -11.55
N LYS B 153 20.77 -18.08 -11.54
CA LYS B 153 21.81 -18.82 -12.23
C LYS B 153 21.27 -20.08 -12.92
N ALA B 154 21.39 -20.11 -14.25
CA ALA B 154 21.14 -21.32 -15.01
C ALA B 154 22.35 -22.23 -14.85
N ASP B 155 22.14 -23.40 -14.26
CA ASP B 155 23.23 -24.24 -13.76
C ASP B 155 24.09 -23.43 -12.80
N SER B 156 25.12 -22.78 -13.31
CA SER B 156 25.95 -21.87 -12.51
C SER B 156 26.28 -20.59 -13.25
N SER B 157 25.76 -20.46 -14.47
CA SER B 157 25.98 -19.25 -15.27
C SER B 157 24.86 -18.24 -15.07
N PRO B 158 25.23 -16.98 -14.77
CA PRO B 158 24.29 -15.87 -14.52
C PRO B 158 23.22 -15.72 -15.60
N VAL B 159 22.06 -15.21 -15.19
CA VAL B 159 20.95 -14.96 -16.10
C VAL B 159 20.14 -13.76 -15.61
N LYS B 160 19.97 -12.76 -16.48
CA LYS B 160 19.27 -11.54 -16.11
C LYS B 160 17.97 -11.34 -16.90
N ALA B 161 17.87 -12.03 -18.03
CA ALA B 161 16.67 -11.96 -18.86
C ALA B 161 15.54 -12.80 -18.28
N GLY B 162 14.32 -12.29 -18.39
CA GLY B 162 13.15 -12.98 -17.86
C GLY B 162 13.06 -12.88 -16.35
N VAL B 163 13.71 -11.86 -15.79
CA VAL B 163 13.75 -11.68 -14.34
C VAL B 163 13.04 -10.41 -13.88
N GLU B 164 11.96 -10.59 -13.12
CA GLU B 164 11.25 -9.48 -12.51
C GLU B 164 11.36 -9.62 -10.99
N THR B 165 11.76 -8.56 -10.31
CA THR B 165 11.93 -8.60 -8.86
C THR B 165 11.26 -7.41 -8.18
N THR B 166 10.46 -7.67 -7.15
CA THR B 166 9.75 -6.62 -6.44
C THR B 166 10.66 -5.84 -5.51
N THR B 167 10.20 -4.67 -5.10
CA THR B 167 10.85 -3.90 -4.06
C THR B 167 10.52 -4.55 -2.71
N PRO B 168 11.36 -4.34 -1.69
CA PRO B 168 11.04 -4.87 -0.36
C PRO B 168 9.79 -4.21 0.22
N SER B 169 9.16 -4.85 1.21
CA SER B 169 8.00 -4.29 1.88
C SER B 169 7.93 -4.74 3.33
N LYS B 170 7.46 -3.85 4.20
CA LYS B 170 7.44 -4.13 5.64
C LYS B 170 6.34 -5.11 6.03
N GLN B 171 6.72 -6.16 6.77
CA GLN B 171 5.77 -7.15 7.26
C GLN B 171 5.15 -6.68 8.58
N SER B 172 4.32 -7.54 9.18
CA SER B 172 3.67 -7.21 10.44
C SER B 172 4.57 -7.45 11.65
N ASN B 173 5.79 -7.89 11.39
CA ASN B 173 6.78 -8.08 12.45
C ASN B 173 7.97 -7.15 12.26
N ASN B 174 7.75 -6.08 11.49
CA ASN B 174 8.77 -5.08 11.18
C ASN B 174 9.98 -5.60 10.40
N LYS B 175 9.89 -6.85 9.96
CA LYS B 175 10.89 -7.40 9.05
C LYS B 175 10.48 -7.06 7.62
N TYR B 176 11.32 -7.40 6.65
CA TYR B 176 11.01 -7.09 5.26
C TYR B 176 10.85 -8.33 4.40
N ALA B 177 10.12 -8.20 3.29
CA ALA B 177 9.89 -9.32 2.39
C ALA B 177 9.97 -8.88 0.94
N ALA B 178 10.30 -9.82 0.07
CA ALA B 178 10.38 -9.56 -1.36
C ALA B 178 10.24 -10.87 -2.14
N SER B 179 10.04 -10.76 -3.45
CA SER B 179 9.91 -11.95 -4.29
C SER B 179 10.55 -11.73 -5.66
N SER B 180 11.01 -12.81 -6.27
CA SER B 180 11.63 -12.72 -7.58
C SER B 180 11.09 -13.83 -8.49
N TYR B 181 10.82 -13.48 -9.74
CA TYR B 181 10.26 -14.43 -10.69
C TYR B 181 11.18 -14.60 -11.90
N LEU B 182 11.36 -15.84 -12.32
CA LEU B 182 12.12 -16.13 -13.53
C LEU B 182 11.20 -16.79 -14.56
N SER B 183 10.86 -16.07 -15.61
CA SER B 183 10.08 -16.64 -16.70
C SER B 183 10.99 -17.43 -17.62
N LEU B 184 10.48 -18.56 -18.11
CA LEU B 184 11.28 -19.46 -18.93
C LEU B 184 10.43 -20.19 -19.95
N THR B 185 11.10 -20.80 -20.92
CA THR B 185 10.47 -21.77 -21.81
C THR B 185 10.64 -23.13 -21.16
N PRO B 186 9.65 -24.02 -21.34
CA PRO B 186 9.73 -25.39 -20.83
C PRO B 186 11.01 -26.09 -21.31
N GLU B 187 11.47 -25.69 -22.49
CA GLU B 187 12.73 -26.18 -23.04
C GLU B 187 13.91 -25.84 -22.12
N GLN B 188 14.06 -24.56 -21.80
CA GLN B 188 15.12 -24.09 -20.93
C GLN B 188 15.05 -24.75 -19.55
N TRP B 189 13.83 -24.91 -19.06
CA TRP B 189 13.61 -25.58 -17.79
C TRP B 189 14.10 -27.02 -17.86
N LYS B 190 13.58 -27.78 -18.82
CA LYS B 190 13.93 -29.19 -18.98
C LYS B 190 15.42 -29.39 -19.30
N SER B 191 15.96 -28.55 -20.17
CA SER B 191 17.33 -28.71 -20.64
C SER B 191 18.37 -27.98 -19.78
N HIS B 192 18.35 -28.25 -18.48
CA HIS B 192 19.36 -27.73 -17.57
C HIS B 192 19.51 -28.62 -16.35
N ARG B 193 20.68 -28.56 -15.72
CA ARG B 193 20.95 -29.35 -14.53
C ARG B 193 20.08 -28.86 -13.38
N SER B 194 20.24 -27.59 -13.02
CA SER B 194 19.51 -27.01 -11.90
C SER B 194 19.54 -25.50 -11.93
N TYR B 195 18.38 -24.87 -11.76
CA TYR B 195 18.33 -23.42 -11.65
C TYR B 195 18.44 -22.99 -10.19
N SER B 196 19.12 -21.87 -9.95
CA SER B 196 19.36 -21.43 -8.58
C SER B 196 18.97 -19.97 -8.33
N CYS B 197 18.51 -19.71 -7.12
CA CYS B 197 18.17 -18.37 -6.68
C CYS B 197 19.00 -18.03 -5.46
N GLN B 198 19.90 -17.07 -5.59
CA GLN B 198 20.73 -16.64 -4.46
C GLN B 198 20.38 -15.24 -3.99
N VAL B 199 20.20 -15.10 -2.68
CA VAL B 199 19.79 -13.84 -2.08
C VAL B 199 20.90 -13.25 -1.23
N THR B 200 21.37 -12.06 -1.61
CA THR B 200 22.43 -11.41 -0.87
C THR B 200 21.88 -10.35 0.09
N HIS B 201 21.78 -10.72 1.37
CA HIS B 201 21.52 -9.74 2.42
C HIS B 201 22.86 -9.13 2.77
N GLU B 202 22.86 -8.06 3.55
CA GLU B 202 24.09 -7.28 3.80
C GLU B 202 25.33 -8.10 4.14
N GLY B 203 26.08 -8.47 3.11
CA GLY B 203 27.28 -9.26 3.27
C GLY B 203 27.11 -10.72 2.88
N SER B 204 26.18 -11.40 3.55
CA SER B 204 25.99 -12.84 3.35
C SER B 204 25.08 -13.17 2.17
N THR B 205 25.22 -14.37 1.64
CA THR B 205 24.38 -14.82 0.53
C THR B 205 23.76 -16.20 0.81
N VAL B 206 22.43 -16.25 0.80
CA VAL B 206 21.71 -17.51 0.95
C VAL B 206 21.24 -17.98 -0.42
N GLU B 207 21.40 -19.27 -0.69
CA GLU B 207 21.06 -19.82 -2.00
C GLU B 207 20.13 -21.02 -1.89
N LYS B 208 19.17 -21.08 -2.80
CA LYS B 208 18.27 -22.22 -2.92
C LYS B 208 18.25 -22.69 -4.36
N THR B 209 17.98 -23.97 -4.58
CA THR B 209 18.09 -24.55 -5.91
C THR B 209 16.98 -25.58 -6.19
N VAL B 210 16.39 -25.49 -7.38
CA VAL B 210 15.44 -26.49 -7.84
C VAL B 210 16.01 -27.24 -9.05
N ALA B 211 15.48 -28.42 -9.32
CA ALA B 211 15.92 -29.23 -10.44
C ALA B 211 14.74 -29.87 -11.17
N PRO B 212 14.83 -29.96 -12.50
CA PRO B 212 13.76 -30.52 -13.34
C PRO B 212 13.58 -32.02 -13.13
N THR B 213 12.80 -32.41 -12.13
CA THR B 213 12.49 -33.82 -11.88
C THR B 213 11.02 -34.00 -11.53
#